data_3JZ9
#
_entry.id   3JZ9
#
_cell.length_a   126.338
_cell.length_b   126.338
_cell.length_c   35.925
_cell.angle_alpha   90.000
_cell.angle_beta   90.000
_cell.angle_gamma   120.000
#
_symmetry.space_group_name_H-M   'P 62'
#
loop_
_entity.id
_entity.type
_entity.pdbx_description
1 polymer 'Uncharacterized protein DrrA'
2 water water
#
_entity_poly.entity_id   1
_entity_poly.type   'polypeptide(L)'
_entity_poly.pdbx_seq_one_letter_code
;GH(MSE)VTRIENLENAKKLWDNANS(MSE)LEKGNISGYLKAANELHKF(MSE)KEKNLKEDDLRPELSDKTISPKGYA
ILQSLWGAASDYSRAAATLTESTVEPGLVSAVNK(MSE)SAFF(MSE)DCKLSPNERATPDPDFKVGKSKILVGI(MSE)
QFIKDVADPTSKIW(MSE)HNTKAL(MSE)NHKIAAIQKLERSNNVNDETLESVLSSKGENLSEYLSYK
;
_entity_poly.pdbx_strand_id   A
#
# COMPACT_ATOMS: atom_id res chain seq x y z
N GLY A 1 -2.54 -17.02 -30.97
CA GLY A 1 -1.94 -15.67 -31.23
C GLY A 1 -2.10 -14.75 -30.10
N HIS A 2 -1.91 -13.42 -30.32
CA HIS A 2 -1.78 -12.54 -29.18
C HIS A 2 -3.11 -12.41 -28.40
N MSE A 3 -4.20 -12.68 -29.16
CA MSE A 3 -5.55 -12.57 -28.49
C MSE A 3 -5.77 -13.72 -27.51
O MSE A 3 -6.31 -13.56 -26.40
CB MSE A 3 -6.67 -12.37 -29.45
CG MSE A 3 -6.73 -11.08 -30.50
SE MSE A 3 -7.71 -10.93 -31.77
CE MSE A 3 -9.47 -10.68 -30.61
N VAL A 4 -5.44 -14.95 -27.97
CA VAL A 4 -5.44 -16.14 -27.03
C VAL A 4 -4.46 -16.00 -25.88
N THR A 5 -3.28 -15.45 -26.14
CA THR A 5 -2.34 -15.16 -25.06
C THR A 5 -2.91 -14.17 -24.02
N ARG A 6 -3.61 -13.14 -24.48
CA ARG A 6 -4.30 -12.21 -23.61
C ARG A 6 -5.39 -12.84 -22.72
N ILE A 7 -6.16 -13.77 -23.26
CA ILE A 7 -7.12 -14.54 -22.46
C ILE A 7 -6.43 -15.28 -21.30
N GLU A 8 -5.33 -15.89 -21.65
CA GLU A 8 -4.53 -16.66 -20.70
C GLU A 8 -3.91 -15.73 -19.66
N ASN A 9 -3.43 -14.58 -20.07
CA ASN A 9 -2.94 -13.59 -19.08
C ASN A 9 -4.05 -13.07 -18.16
N LEU A 10 -5.23 -12.86 -18.70
CA LEU A 10 -6.34 -12.47 -17.86
C LEU A 10 -6.78 -13.53 -16.87
N GLU A 11 -6.68 -14.83 -17.24
CA GLU A 11 -6.97 -15.92 -16.24
C GLU A 11 -5.99 -15.80 -15.05
N ASN A 12 -4.69 -15.61 -15.32
CA ASN A 12 -3.68 -15.52 -14.30
C ASN A 12 -3.91 -14.23 -13.50
N ALA A 13 -4.27 -13.13 -14.20
CA ALA A 13 -4.57 -11.89 -13.53
C ALA A 13 -5.74 -12.02 -12.59
N LYS A 14 -6.83 -12.76 -12.95
CA LYS A 14 -7.94 -13.05 -12.06
C LYS A 14 -7.52 -13.82 -10.77
N LYS A 15 -6.60 -14.80 -10.93
CA LYS A 15 -6.02 -15.53 -9.80
C LYS A 15 -5.33 -14.50 -8.85
N LEU A 16 -4.48 -13.65 -9.41
CA LEU A 16 -3.71 -12.62 -8.63
C LEU A 16 -4.64 -11.65 -7.92
N TRP A 17 -5.76 -11.30 -8.54
CA TRP A 17 -6.76 -10.46 -7.93
C TRP A 17 -7.36 -11.22 -6.73
N ASP A 18 -7.74 -12.48 -6.94
CA ASP A 18 -8.41 -13.24 -5.87
CA ASP A 18 -8.32 -13.35 -5.88
C ASP A 18 -7.49 -13.39 -4.64
N ASN A 19 -6.21 -13.62 -4.86
CA ASN A 19 -5.22 -13.69 -3.78
C ASN A 19 -5.21 -12.37 -2.98
N ALA A 20 -5.19 -11.22 -3.66
CA ALA A 20 -5.25 -9.85 -3.03
C ALA A 20 -6.53 -9.70 -2.27
N ASN A 21 -7.67 -10.16 -2.85
CA ASN A 21 -8.93 -9.98 -2.21
C ASN A 21 -8.99 -10.87 -0.95
N SER A 22 -8.39 -12.04 -1.01
CA SER A 22 -8.47 -12.89 0.16
C SER A 22 -7.59 -12.35 1.34
N MSE A 23 -6.46 -11.75 1.01
CA MSE A 23 -5.62 -11.05 1.98
C MSE A 23 -6.39 -9.91 2.56
O MSE A 23 -6.40 -9.75 3.81
CB MSE A 23 -4.37 -10.50 1.40
CG MSE A 23 -3.31 -11.46 1.04
SE MSE A 23 -2.46 -12.24 2.73
CE MSE A 23 -3.68 -13.45 3.10
N LEU A 24 -7.02 -9.11 1.71
CA LEU A 24 -7.87 -8.01 2.13
C LEU A 24 -8.93 -8.45 3.12
N GLU A 25 -9.60 -9.56 2.80
CA GLU A 25 -10.75 -9.99 3.57
C GLU A 25 -10.34 -10.48 5.01
N LYS A 26 -9.14 -11.05 5.10
CA LYS A 26 -8.49 -11.35 6.38
C LYS A 26 -7.90 -10.17 7.16
N GLY A 27 -7.96 -8.95 6.60
CA GLY A 27 -7.40 -7.79 7.21
C GLY A 27 -5.88 -7.81 7.31
N ASN A 28 -5.18 -8.58 6.46
CA ASN A 28 -3.73 -8.45 6.39
C ASN A 28 -3.19 -7.39 5.49
N ILE A 29 -2.73 -6.28 6.06
CA ILE A 29 -2.39 -5.07 5.35
C ILE A 29 -1.15 -5.16 4.40
N SER A 30 -0.03 -5.64 5.00
CA SER A 30 1.23 -5.72 4.24
C SER A 30 1.03 -6.81 3.20
N GLY A 31 0.40 -7.90 3.55
CA GLY A 31 0.22 -8.97 2.66
C GLY A 31 -0.82 -8.73 1.53
N TYR A 32 -1.89 -7.99 1.83
CA TYR A 32 -2.77 -7.39 0.78
C TYR A 32 -1.88 -6.57 -0.14
N LEU A 33 -0.97 -5.77 0.42
CA LEU A 33 -0.22 -4.87 -0.39
C LEU A 33 0.79 -5.65 -1.26
N LYS A 34 1.31 -6.76 -0.74
CA LYS A 34 2.24 -7.63 -1.48
C LYS A 34 1.45 -8.13 -2.75
N ALA A 35 0.29 -8.68 -2.49
CA ALA A 35 -0.59 -9.23 -3.51
C ALA A 35 -1.14 -8.18 -4.47
N ALA A 36 -1.47 -6.98 -4.00
CA ALA A 36 -1.82 -5.92 -4.90
C ALA A 36 -0.68 -5.54 -5.84
N ASN A 37 0.55 -5.49 -5.31
CA ASN A 37 1.73 -5.15 -6.07
C ASN A 37 1.95 -6.19 -7.21
N GLU A 38 1.90 -7.45 -6.87
CA GLU A 38 2.04 -8.55 -7.80
C GLU A 38 0.99 -8.52 -8.96
N LEU A 39 -0.28 -8.31 -8.57
CA LEU A 39 -1.34 -8.01 -9.56
C LEU A 39 -0.99 -6.86 -10.50
N HIS A 40 -0.56 -5.75 -9.93
CA HIS A 40 -0.39 -4.56 -10.67
C HIS A 40 0.81 -4.67 -11.53
N LYS A 41 1.88 -5.31 -11.01
CA LYS A 41 3.06 -5.53 -11.83
C LYS A 41 2.77 -6.44 -13.03
N PHE A 42 2.07 -7.51 -12.76
CA PHE A 42 1.67 -8.44 -13.85
C PHE A 42 0.82 -7.74 -14.90
N MSE A 43 -0.25 -7.10 -14.49
CA MSE A 43 -1.09 -6.40 -15.43
C MSE A 43 -0.31 -5.38 -16.24
O MSE A 43 -0.44 -5.31 -17.47
CB MSE A 43 -2.28 -5.77 -14.77
CG MSE A 43 -2.96 -6.79 -13.93
SE MSE A 43 -4.80 -6.68 -13.69
CE MSE A 43 -4.55 -7.23 -15.52
N LYS A 44 0.58 -4.60 -15.60
CA LYS A 44 1.37 -3.64 -16.35
C LYS A 44 2.26 -4.29 -17.35
N GLU A 45 2.88 -5.42 -16.94
CA GLU A 45 3.84 -6.14 -17.80
C GLU A 45 3.14 -6.70 -19.06
N LYS A 46 1.89 -7.11 -18.89
CA LYS A 46 1.09 -7.76 -19.96
C LYS A 46 0.16 -6.78 -20.71
N ASN A 47 0.43 -5.49 -20.52
CA ASN A 47 -0.32 -4.40 -21.11
CA ASN A 47 -0.39 -4.44 -21.11
C ASN A 47 -1.87 -4.65 -20.89
N LEU A 48 -2.25 -4.92 -19.64
CA LEU A 48 -3.64 -5.08 -19.24
C LEU A 48 -4.07 -4.01 -18.25
N LYS A 49 -5.25 -3.44 -18.50
CA LYS A 49 -5.88 -2.41 -17.68
C LYS A 49 -6.99 -3.00 -16.79
N GLU A 50 -7.46 -2.17 -15.88
CA GLU A 50 -8.54 -2.50 -15.01
C GLU A 50 -9.74 -2.95 -15.87
N ASP A 51 -9.99 -2.21 -16.93
CA ASP A 51 -11.17 -2.46 -17.82
C ASP A 51 -11.10 -3.84 -18.46
N ASP A 52 -9.88 -4.35 -18.68
CA ASP A 52 -9.69 -5.68 -19.21
C ASP A 52 -10.10 -6.79 -18.21
N LEU A 53 -9.75 -6.63 -16.95
CA LEU A 53 -10.13 -7.58 -15.98
C LEU A 53 -11.53 -7.52 -15.48
N ARG A 54 -12.17 -6.35 -15.44
CA ARG A 54 -13.37 -6.15 -14.70
C ARG A 54 -14.46 -7.18 -15.19
N PRO A 55 -14.62 -7.41 -16.52
CA PRO A 55 -15.61 -8.46 -16.91
C PRO A 55 -15.37 -9.88 -16.40
N GLU A 56 -14.13 -10.26 -16.16
CA GLU A 56 -13.81 -11.47 -15.52
C GLU A 56 -14.12 -11.64 -14.01
N LEU A 57 -14.41 -10.54 -13.29
CA LEU A 57 -14.73 -10.56 -11.86
C LEU A 57 -16.15 -10.41 -11.52
N SER A 58 -17.09 -10.73 -12.45
CA SER A 58 -18.47 -10.59 -12.14
C SER A 58 -18.97 -11.59 -11.04
N ASP A 59 -18.19 -12.65 -10.86
CA ASP A 59 -18.48 -13.67 -9.79
C ASP A 59 -17.69 -13.44 -8.52
N LYS A 60 -17.00 -12.32 -8.47
CA LYS A 60 -16.31 -11.92 -7.26
C LYS A 60 -16.95 -10.70 -6.60
N THR A 61 -16.60 -10.54 -5.33
CA THR A 61 -17.15 -9.54 -4.47
C THR A 61 -16.02 -8.91 -3.57
N ILE A 62 -15.98 -7.58 -3.50
CA ILE A 62 -15.29 -6.92 -2.40
C ILE A 62 -16.41 -6.63 -1.40
N SER A 63 -16.21 -7.10 -0.20
CA SER A 63 -17.20 -6.89 0.84
C SER A 63 -17.16 -5.51 1.40
N PRO A 64 -18.14 -5.15 2.24
CA PRO A 64 -18.11 -3.90 2.96
C PRO A 64 -16.90 -3.75 3.88
N LYS A 65 -16.49 -4.85 4.53
CA LYS A 65 -15.24 -4.87 5.28
C LYS A 65 -14.08 -4.48 4.36
N GLY A 66 -13.96 -5.19 3.24
CA GLY A 66 -12.95 -4.91 2.27
C GLY A 66 -12.87 -3.46 1.84
N TYR A 67 -14.01 -2.90 1.51
CA TYR A 67 -14.04 -1.50 1.10
C TYR A 67 -13.62 -0.58 2.24
N ALA A 68 -14.01 -0.94 3.46
CA ALA A 68 -13.64 -0.17 4.63
C ALA A 68 -12.12 -0.14 4.78
N ILE A 69 -11.46 -1.29 4.59
CA ILE A 69 -9.99 -1.38 4.76
C ILE A 69 -9.32 -0.59 3.64
N LEU A 70 -9.88 -0.71 2.45
CA LEU A 70 -9.41 0.01 1.29
C LEU A 70 -9.48 1.52 1.50
N GLN A 71 -10.56 2.04 2.07
CA GLN A 71 -10.72 3.48 2.28
C GLN A 71 -9.76 3.90 3.44
N SER A 72 -9.59 3.04 4.42
CA SER A 72 -8.60 3.32 5.48
C SER A 72 -7.15 3.37 5.00
N LEU A 73 -6.78 2.46 4.12
CA LEU A 73 -5.51 2.47 3.47
C LEU A 73 -5.29 3.77 2.68
N TRP A 74 -6.31 4.18 1.90
CA TRP A 74 -6.24 5.39 1.13
C TRP A 74 -6.01 6.60 1.95
N GLY A 75 -6.75 6.78 3.04
CA GLY A 75 -6.63 7.96 3.83
C GLY A 75 -5.25 8.04 4.53
N ALA A 76 -4.77 6.92 5.08
CA ALA A 76 -3.44 6.89 5.81
C ALA A 76 -2.34 7.13 4.76
N ALA A 77 -2.39 6.52 3.56
CA ALA A 77 -1.42 6.63 2.53
C ALA A 77 -1.39 8.07 2.04
N SER A 78 -2.57 8.64 1.88
CA SER A 78 -2.70 10.04 1.45
CA SER A 78 -2.68 10.04 1.45
C SER A 78 -1.99 11.00 2.40
N ASP A 79 -2.27 10.87 3.67
CA ASP A 79 -1.67 11.71 4.64
C ASP A 79 -0.13 11.45 4.65
N TYR A 80 0.29 10.20 4.61
CA TYR A 80 1.75 9.84 4.69
C TYR A 80 2.53 10.41 3.51
N SER A 81 1.99 10.23 2.29
CA SER A 81 2.57 10.72 1.07
C SER A 81 2.83 12.21 1.16
N ARG A 82 1.85 12.95 1.68
CA ARG A 82 1.93 14.40 1.80
C ARG A 82 2.89 14.82 2.95
N ALA A 83 2.76 14.14 4.06
CA ALA A 83 3.58 14.49 5.24
C ALA A 83 5.09 14.18 4.98
N ALA A 84 5.36 13.19 4.17
CA ALA A 84 6.74 12.80 3.79
C ALA A 84 7.41 13.65 2.76
N ALA A 85 6.70 14.67 2.19
CA ALA A 85 7.25 15.55 1.21
C ALA A 85 7.81 16.74 1.95
N THR A 86 9.10 16.73 2.37
CA THR A 86 9.61 17.79 3.19
C THR A 86 10.76 18.55 2.50
N LEU A 87 11.29 19.59 3.14
CA LEU A 87 12.46 20.34 2.61
C LEU A 87 13.73 19.49 2.65
N THR A 88 13.74 18.43 3.41
CA THR A 88 14.93 17.53 3.40
C THR A 88 14.94 16.73 2.07
N GLU A 89 13.82 16.08 1.82
CA GLU A 89 13.60 15.36 0.56
C GLU A 89 12.15 15.19 0.32
N SER A 90 11.80 15.14 -0.96
CA SER A 90 10.37 15.02 -1.29
C SER A 90 10.05 14.23 -2.56
N THR A 91 11.00 13.41 -2.92
CA THR A 91 10.85 12.54 -4.05
C THR A 91 10.64 11.07 -3.68
N VAL A 92 11.59 10.53 -2.89
CA VAL A 92 11.69 9.09 -2.73
C VAL A 92 10.50 8.57 -1.89
N GLU A 93 10.39 9.04 -0.66
CA GLU A 93 9.37 8.55 0.23
C GLU A 93 7.96 8.89 -0.22
N PRO A 94 7.71 10.14 -0.63
CA PRO A 94 6.35 10.35 -1.15
C PRO A 94 5.99 9.45 -2.36
N GLY A 95 6.95 9.19 -3.26
CA GLY A 95 6.77 8.30 -4.32
C GLY A 95 6.47 6.88 -3.95
N LEU A 96 7.19 6.40 -2.95
CA LEU A 96 6.97 5.03 -2.48
C LEU A 96 5.56 4.87 -1.93
N VAL A 97 5.14 5.89 -1.17
CA VAL A 97 3.86 5.84 -0.48
C VAL A 97 2.70 6.03 -1.51
N SER A 98 2.86 6.99 -2.38
CA SER A 98 1.88 7.28 -3.50
C SER A 98 1.71 6.01 -4.35
N ALA A 99 2.79 5.27 -4.58
CA ALA A 99 2.67 4.00 -5.32
C ALA A 99 1.80 2.98 -4.61
N VAL A 100 1.88 2.91 -3.28
CA VAL A 100 0.95 2.12 -2.49
C VAL A 100 -0.48 2.50 -2.75
N ASN A 101 -0.78 3.79 -2.83
CA ASN A 101 -2.10 4.28 -3.06
C ASN A 101 -2.55 3.84 -4.46
N LYS A 102 -1.66 3.94 -5.41
CA LYS A 102 -1.99 3.61 -6.83
C LYS A 102 -2.27 2.14 -7.06
N MSE A 103 -1.46 1.29 -6.48
CA MSE A 103 -1.60 -0.13 -6.63
C MSE A 103 -2.89 -0.58 -5.93
O MSE A 103 -3.64 -1.49 -6.44
CB MSE A 103 -0.43 -0.95 -6.07
CG MSE A 103 -0.21 -0.81 -4.58
SE MSE A 103 1.35 -1.92 -4.06
CE MSE A 103 0.86 -2.20 -2.19
N SER A 104 -3.20 0.00 -4.78
CA SER A 104 -4.43 -0.40 -4.06
C SER A 104 -5.68 0.07 -4.81
N ALA A 105 -5.69 1.29 -5.28
CA ALA A 105 -6.76 1.77 -6.16
C ALA A 105 -6.91 0.92 -7.43
N PHE A 106 -5.80 0.48 -8.01
CA PHE A 106 -5.84 -0.36 -9.19
C PHE A 106 -6.64 -1.66 -8.87
N PHE A 107 -6.32 -2.29 -7.76
CA PHE A 107 -6.98 -3.50 -7.33
C PHE A 107 -8.45 -3.23 -7.23
N MSE A 108 -8.80 -2.15 -6.55
CA MSE A 108 -10.24 -1.78 -6.43
C MSE A 108 -10.94 -1.56 -7.79
O MSE A 108 -12.10 -2.04 -8.05
CB MSE A 108 -10.41 -0.59 -5.51
CG MSE A 108 -11.83 -0.31 -5.17
SE MSE A 108 -12.00 1.16 -3.93
CE MSE A 108 -12.05 2.61 -5.31
N ASP A 109 -10.25 -0.83 -8.66
CA ASP A 109 -10.80 -0.45 -9.92
C ASP A 109 -10.93 -1.61 -10.90
N CYS A 110 -10.11 -2.66 -10.77
CA CYS A 110 -10.33 -3.90 -11.50
C CYS A 110 -11.75 -4.48 -11.27
N LYS A 111 -12.36 -4.25 -10.11
CA LYS A 111 -13.69 -4.78 -9.81
C LYS A 111 -14.79 -3.75 -9.91
N LEU A 112 -14.58 -2.62 -9.28
CA LEU A 112 -15.52 -1.54 -9.27
CA LEU A 112 -15.55 -1.56 -9.30
C LEU A 112 -15.22 -0.64 -10.46
N SER A 113 -16.19 -0.32 -11.26
CA SER A 113 -15.97 0.80 -12.20
C SER A 113 -15.71 2.14 -11.44
N PRO A 114 -14.61 2.89 -11.78
CA PRO A 114 -14.37 4.23 -11.12
C PRO A 114 -15.50 5.29 -11.31
N ASN A 115 -16.29 5.12 -12.35
CA ASN A 115 -17.61 5.73 -12.53
C ASN A 115 -18.61 4.77 -11.79
N GLU A 116 -18.81 4.98 -10.47
CA GLU A 116 -19.63 4.12 -9.48
C GLU A 116 -18.96 3.89 -8.11
N ARG A 117 -19.75 3.61 -7.08
CA ARG A 117 -19.34 3.94 -5.71
C ARG A 117 -19.03 2.79 -4.74
N ALA A 118 -17.94 2.97 -4.01
CA ALA A 118 -17.52 2.07 -2.96
C ALA A 118 -18.65 2.01 -1.95
N THR A 119 -18.81 0.84 -1.34
CA THR A 119 -19.82 0.58 -0.31
C THR A 119 -19.13 0.04 0.99
N PRO A 120 -18.35 0.91 1.69
CA PRO A 120 -17.63 0.49 2.89
C PRO A 120 -18.53 0.34 4.08
N ASP A 121 -18.19 -0.55 4.98
CA ASP A 121 -18.89 -0.68 6.25
C ASP A 121 -18.40 0.43 7.16
N PRO A 122 -19.28 1.42 7.47
CA PRO A 122 -18.94 2.60 8.28
C PRO A 122 -18.51 2.25 9.69
N ASP A 123 -18.76 1.02 10.13
CA ASP A 123 -18.31 0.53 11.44
C ASP A 123 -17.06 -0.25 11.45
N PHE A 124 -16.47 -0.60 10.30
CA PHE A 124 -15.25 -1.38 10.33
C PHE A 124 -14.09 -0.39 10.28
N LYS A 125 -13.34 -0.30 11.34
CA LYS A 125 -12.25 0.67 11.40
C LYS A 125 -11.00 -0.15 11.53
N VAL A 126 -9.96 0.08 10.72
CA VAL A 126 -8.63 -0.39 11.12
C VAL A 126 -7.88 0.90 11.64
N GLY A 127 -7.12 0.71 12.70
CA GLY A 127 -6.39 1.76 13.41
C GLY A 127 -5.31 2.25 12.42
N LYS A 128 -5.24 3.56 12.32
CA LYS A 128 -4.34 4.23 11.44
C LYS A 128 -2.86 3.78 11.68
N SER A 129 -2.48 3.58 12.91
CA SER A 129 -1.07 3.18 13.23
C SER A 129 -0.78 1.81 12.65
N LYS A 130 -1.77 0.88 12.67
CA LYS A 130 -1.59 -0.41 12.07
C LYS A 130 -1.52 -0.35 10.56
N ILE A 131 -2.28 0.52 9.94
CA ILE A 131 -2.22 0.69 8.52
C ILE A 131 -0.84 1.24 8.11
N LEU A 132 -0.36 2.23 8.83
CA LEU A 132 0.90 2.89 8.51
C LEU A 132 2.04 1.88 8.65
N VAL A 133 2.05 1.08 9.70
CA VAL A 133 3.10 0.04 9.81
C VAL A 133 3.05 -0.93 8.66
N GLY A 134 1.82 -1.35 8.29
CA GLY A 134 1.68 -2.21 7.12
C GLY A 134 2.25 -1.66 5.80
N ILE A 135 2.01 -0.35 5.59
CA ILE A 135 2.57 0.33 4.46
C ILE A 135 4.12 0.32 4.52
N MSE A 136 4.65 0.66 5.68
CA MSE A 136 6.12 0.70 5.85
C MSE A 136 6.71 -0.69 5.69
O MSE A 136 7.78 -0.83 5.12
CB MSE A 136 6.47 1.23 7.22
CG MSE A 136 6.01 2.65 7.39
SE MSE A 136 6.20 3.25 9.21
CE MSE A 136 5.78 5.14 8.93
N GLN A 137 6.02 -1.70 6.18
CA GLN A 137 6.49 -3.05 6.04
CA GLN A 137 6.50 -3.07 6.02
C GLN A 137 6.57 -3.49 4.55
N PHE A 138 5.52 -3.21 3.82
CA PHE A 138 5.48 -3.41 2.35
C PHE A 138 6.65 -2.69 1.69
N ILE A 139 6.77 -1.42 1.96
CA ILE A 139 7.90 -0.67 1.35
C ILE A 139 9.25 -1.28 1.67
N LYS A 140 9.51 -1.63 2.93
CA LYS A 140 10.77 -2.17 3.36
C LYS A 140 11.00 -3.50 2.59
N ASP A 141 9.96 -4.32 2.48
CA ASP A 141 10.15 -5.72 1.97
C ASP A 141 10.40 -5.70 0.48
N VAL A 142 9.89 -4.71 -0.23
CA VAL A 142 10.09 -4.64 -1.66
C VAL A 142 11.18 -3.74 -2.13
N ALA A 143 11.81 -3.02 -1.21
CA ALA A 143 12.80 -2.04 -1.59
C ALA A 143 14.03 -2.76 -2.04
N ASP A 144 14.71 -2.21 -3.04
CA ASP A 144 16.10 -2.65 -3.26
C ASP A 144 16.99 -2.39 -2.11
N PRO A 145 17.87 -3.35 -1.78
CA PRO A 145 18.70 -3.18 -0.60
C PRO A 145 19.68 -2.01 -0.58
N THR A 146 19.97 -1.47 -1.75
CA THR A 146 20.74 -0.26 -1.89
C THR A 146 19.93 1.08 -1.92
N SER A 147 18.61 1.01 -1.94
CA SER A 147 17.71 2.16 -2.07
C SER A 147 17.92 2.97 -0.76
N LYS A 148 17.78 4.28 -0.94
CA LYS A 148 17.93 5.27 0.08
C LYS A 148 16.75 6.28 0.02
N ILE A 149 16.42 6.77 1.21
CA ILE A 149 15.55 7.94 1.43
C ILE A 149 16.48 8.98 2.05
N TRP A 150 16.72 10.07 1.36
CA TRP A 150 17.74 11.04 1.76
C TRP A 150 19.10 10.31 1.97
N MSE A 151 19.77 10.47 3.08
CA MSE A 151 21.12 9.84 3.34
C MSE A 151 21.03 8.39 3.95
O MSE A 151 22.05 7.75 4.16
CB MSE A 151 21.91 10.73 4.25
CG MSE A 151 21.98 12.06 3.79
SE MSE A 151 23.30 12.06 2.26
CE MSE A 151 22.36 11.87 0.91
N HIS A 152 19.80 7.93 4.25
CA HIS A 152 19.49 6.68 4.94
C HIS A 152 19.07 5.56 4.03
N ASN A 153 19.54 4.35 4.32
CA ASN A 153 19.01 3.16 3.69
C ASN A 153 17.49 3.05 3.93
N THR A 154 16.76 2.83 2.89
CA THR A 154 15.28 2.81 2.92
C THR A 154 14.74 1.74 3.85
N LYS A 155 15.20 0.52 3.74
CA LYS A 155 14.82 -0.56 4.67
C LYS A 155 15.08 -0.19 6.08
N ALA A 156 16.26 0.32 6.43
CA ALA A 156 16.57 0.64 7.73
C ALA A 156 15.67 1.80 8.24
N LEU A 157 15.45 2.80 7.42
CA LEU A 157 14.60 3.94 7.84
C LEU A 157 13.14 3.47 8.04
N MSE A 158 12.65 2.54 7.26
CA MSE A 158 11.34 1.92 7.54
C MSE A 158 11.34 1.24 8.88
O MSE A 158 10.41 1.34 9.70
CB MSE A 158 10.88 0.99 6.45
CG MSE A 158 10.65 1.59 5.10
SE MSE A 158 9.28 3.08 5.13
CE MSE A 158 10.40 4.59 5.37
N ASN A 159 12.40 0.44 9.14
CA ASN A 159 12.46 -0.23 10.46
C ASN A 159 12.46 0.78 11.60
N HIS A 160 13.19 1.88 11.44
CA HIS A 160 13.24 2.92 12.41
C HIS A 160 11.84 3.54 12.67
N LYS A 161 11.12 3.81 11.59
CA LYS A 161 9.77 4.44 11.70
C LYS A 161 8.76 3.43 12.23
N ILE A 162 8.88 2.16 11.85
CA ILE A 162 8.02 1.13 12.38
C ILE A 162 8.20 1.05 13.89
N ALA A 163 9.45 0.99 14.34
CA ALA A 163 9.70 1.02 15.77
C ALA A 163 9.15 2.23 16.50
N ALA A 164 9.28 3.41 15.85
CA ALA A 164 8.79 4.64 16.44
C ALA A 164 7.29 4.54 16.67
N ILE A 165 6.56 4.10 15.65
CA ILE A 165 5.07 3.94 15.74
C ILE A 165 4.68 2.89 16.80
N GLN A 166 5.36 1.76 16.84
CA GLN A 166 5.10 0.76 17.88
C GLN A 166 5.34 1.32 19.29
N LYS A 167 6.38 2.14 19.55
CA LYS A 167 6.64 2.77 20.82
C LYS A 167 5.50 3.74 21.21
N LEU A 168 5.06 4.53 20.27
CA LEU A 168 3.84 5.35 20.47
C LEU A 168 2.61 4.47 20.83
N GLU A 169 2.41 3.32 20.18
CA GLU A 169 1.34 2.46 20.52
C GLU A 169 1.43 1.96 21.93
N ARG A 170 2.60 1.46 22.29
CA ARG A 170 2.78 0.95 23.66
CA ARG A 170 2.89 0.97 23.67
C ARG A 170 2.57 1.98 24.75
N SER A 171 2.97 3.21 24.53
CA SER A 171 2.81 4.27 25.49
C SER A 171 1.41 4.99 25.41
N ASN A 172 0.54 4.49 24.56
CA ASN A 172 -0.78 5.02 24.19
C ASN A 172 -0.66 6.52 23.89
N ASN A 173 0.22 6.87 22.98
CA ASN A 173 0.50 8.24 22.63
C ASN A 173 0.45 8.39 21.14
N VAL A 174 -0.42 7.61 20.47
CA VAL A 174 -0.67 7.78 19.07
C VAL A 174 -1.69 8.88 18.85
N ASN A 175 -1.30 9.92 18.12
CA ASN A 175 -2.27 10.95 17.63
C ASN A 175 -1.68 11.54 16.36
N ASP A 176 -2.44 12.39 15.65
CA ASP A 176 -1.91 12.89 14.41
C ASP A 176 -0.66 13.71 14.51
N GLU A 177 -0.35 14.30 15.66
CA GLU A 177 0.86 15.04 15.86
C GLU A 177 2.06 14.14 16.04
N THR A 178 1.91 13.13 16.88
CA THR A 178 3.01 12.18 17.06
C THR A 178 3.29 11.39 15.80
N LEU A 179 2.23 11.01 15.09
CA LEU A 179 2.34 10.32 13.84
C LEU A 179 2.98 11.22 12.81
N GLU A 180 2.56 12.50 12.70
CA GLU A 180 3.20 13.32 11.69
C GLU A 180 4.73 13.40 11.91
N SER A 181 5.09 13.46 13.16
CA SER A 181 6.55 13.54 13.52
C SER A 181 7.31 12.36 12.90
N VAL A 182 6.77 11.21 12.91
CA VAL A 182 7.37 10.00 12.29
C VAL A 182 7.27 9.97 10.81
N LEU A 183 6.08 10.35 10.29
CA LEU A 183 5.92 10.36 8.87
C LEU A 183 6.75 11.38 8.08
N SER A 184 6.98 12.55 8.65
CA SER A 184 7.69 13.59 8.02
C SER A 184 9.23 13.44 8.27
N SER A 185 9.63 12.60 9.21
CA SER A 185 11.07 12.57 9.55
C SER A 185 11.87 11.95 8.41
N LYS A 186 13.10 12.44 8.22
CA LYS A 186 14.10 11.77 7.40
C LYS A 186 15.31 11.38 8.36
N GLY A 187 15.03 11.11 9.64
CA GLY A 187 16.09 10.74 10.57
C GLY A 187 17.20 11.76 10.63
N GLU A 188 16.85 13.05 10.56
CA GLU A 188 17.82 14.09 10.54
C GLU A 188 18.57 14.23 11.88
N ASN A 189 18.02 13.73 12.97
CA ASN A 189 18.60 13.82 14.28
C ASN A 189 19.17 12.53 14.75
N LEU A 190 19.39 11.56 13.88
CA LEU A 190 19.99 10.30 14.26
C LEU A 190 21.53 10.52 14.36
N SER A 191 22.23 9.62 15.06
CA SER A 191 23.63 9.87 15.25
C SER A 191 24.52 9.50 14.06
N GLU A 192 24.05 8.71 13.08
CA GLU A 192 24.72 8.46 11.88
C GLU A 192 23.76 8.03 10.82
N TYR A 193 24.23 7.88 9.62
CA TYR A 193 23.38 7.49 8.51
C TYR A 193 23.12 6.03 8.69
N LEU A 194 21.88 5.63 8.42
CA LEU A 194 21.44 4.25 8.53
C LEU A 194 21.92 3.44 7.35
N SER A 195 22.51 2.27 7.61
CA SER A 195 23.03 1.44 6.50
C SER A 195 22.21 0.19 6.29
N TYR A 196 22.45 -0.40 5.11
CA TYR A 196 21.83 -1.65 4.64
C TYR A 196 22.15 -2.66 5.72
N LYS A 197 23.45 -2.90 5.92
CA LYS A 197 23.90 -3.75 7.04
C LYS A 197 22.75 -4.67 7.57
#